data_6JSZ
#
_entry.id   6JSZ
#
_cell.length_a   63.542
_cell.length_b   74.467
_cell.length_c   109.135
_cell.angle_alpha   90.000
_cell.angle_beta   90.000
_cell.angle_gamma   90.000
#
_symmetry.space_group_name_H-M   'P 21 21 21'
#
loop_
_entity.id
_entity.type
_entity.pdbx_description
1 polymer 'Beta-secretase 2'
2 polymer XAPERONE
3 non-polymer N-[3-[(5R)-3-azanyl-5-methyl-9,9-bis(oxidanylidene)-2,9$l^{6}-dithia-4-azaspiro[5.5]undec-3-en-5-yl]-4-fluoranyl-phenyl]-5-(fluoranylmethoxy)pyrazine-2-carboxamide
4 non-polymer 'CHLORIDE ION'
5 water water
#
loop_
_entity_poly.entity_id
_entity_poly.type
_entity_poly.pdbx_seq_one_letter_code
_entity_poly.pdbx_strand_id
1 'polypeptide(L)'
;ANFLAMVDNLQGDSGRGYYLEMLIGTPPQKLQILVDTGSSNFAVAGTPHSYIDTYFDTERSSTYRSKGFDVTVKYTQGSW
TGFVGEDLVTIPKGFNTSFLVNIATIFESENFFLPGIKWNGILGLAYATLAKPSSSLETFFDSLVTQANIPNVFSMQMCG
AGLPVAGSGTNGGSLVLGGIEPSLYKGDIWYTPIKEEWYYQIEILKLEIGGQSLNLDCREYNADKAIVDSGTTLLRLPQK
VFDAVVEAVARASLIPEFSDGFWTGSQLACWTNSETPWSYFPKISIYLRDENSSRSFRITILPQLYIQPMMGAGLNYECY
RFGISPSTNALVIGATVMEGFYVIFDRAQKRVGFAASPCAEIAGAAVSEISGPFSTEDVASNCVPA
;
A
2 'polypeptide(L)'
;VQLQESGGGLVQPGGSLRLSCAASGFTFSSAIMTWVRQAPGKGREWVSTIGSDGSITTYADSVKGRFTISRDNARNTLYL
QMNSLKPEDTAVYYCTSAGRRGPGTQVTVSS
;
D
#
# COMPACT_ATOMS: atom_id res chain seq x y z
N ALA A 1 3.04 3.76 17.40
CA ALA A 1 3.54 4.48 16.18
C ALA A 1 3.61 6.00 16.38
N ASN A 2 4.56 6.63 15.68
CA ASN A 2 4.78 8.08 15.72
C ASN A 2 4.65 8.62 14.28
N PHE A 3 3.56 9.34 14.00
CA PHE A 3 3.27 9.88 12.65
C PHE A 3 4.18 11.04 12.24
N LEU A 4 4.57 11.88 13.21
CA LEU A 4 5.52 12.98 12.97
C LEU A 4 6.94 12.48 12.62
N ALA A 5 7.36 11.38 13.24
CA ALA A 5 8.63 10.70 12.88
C ALA A 5 8.67 10.09 11.46
N MET A 6 7.50 9.78 10.91
CA MET A 6 7.35 9.32 9.51
C MET A 6 7.41 10.43 8.44
N VAL A 7 7.43 11.71 8.84
CA VAL A 7 7.58 12.83 7.90
C VAL A 7 9.00 12.79 7.31
N ASP A 8 9.09 12.90 5.98
CA ASP A 8 10.35 12.79 5.22
C ASP A 8 11.04 11.40 5.28
N ASN A 9 10.27 10.34 5.56
CA ASN A 9 10.83 8.98 5.64
C ASN A 9 11.05 8.27 4.28
N LEU A 10 10.65 8.90 3.17
CA LEU A 10 10.93 8.39 1.82
C LEU A 10 12.01 9.22 1.13
N GLN A 11 12.83 8.52 0.34
CA GLN A 11 13.85 9.12 -0.52
C GLN A 11 13.45 8.86 -1.96
N GLY A 12 13.56 9.89 -2.80
CA GLY A 12 13.21 9.83 -4.23
C GLY A 12 14.41 10.10 -5.12
N GLY A 15 12.77 10.78 -10.29
CA GLY A 15 11.70 10.07 -11.01
C GLY A 15 11.90 8.59 -11.22
N ARG A 16 12.61 7.91 -10.31
CA ARG A 16 12.86 6.46 -10.35
C ARG A 16 12.29 5.72 -9.12
N GLY A 17 11.33 6.35 -8.42
CA GLY A 17 10.60 5.72 -7.32
C GLY A 17 10.94 6.28 -5.96
N TYR A 18 9.96 6.19 -5.06
CA TYR A 18 10.09 6.61 -3.67
C TYR A 18 10.28 5.37 -2.83
N TYR A 19 11.34 5.36 -2.03
CA TYR A 19 11.71 4.17 -1.25
C TYR A 19 11.91 4.44 0.24
N LEU A 20 11.56 3.43 1.04
CA LEU A 20 11.55 3.47 2.50
C LEU A 20 12.71 2.61 3.00
N GLU A 21 13.44 3.11 4.01
CA GLU A 21 14.50 2.34 4.68
C GLU A 21 13.83 1.30 5.58
N MET A 22 14.17 0.02 5.36
CA MET A 22 13.62 -1.10 6.12
C MET A 22 14.77 -1.99 6.61
N LEU A 23 14.71 -2.39 7.88
CA LEU A 23 15.73 -3.21 8.54
C LEU A 23 15.16 -4.61 8.73
N ILE A 24 15.82 -5.61 8.16
CA ILE A 24 15.30 -6.99 8.05
C ILE A 24 16.28 -7.95 8.74
N GLY A 25 15.75 -8.88 9.53
CA GLY A 25 16.53 -9.97 10.11
C GLY A 25 17.26 -9.65 11.41
N THR A 26 18.04 -10.63 11.86
CA THR A 26 18.78 -10.57 13.14
C THR A 26 20.26 -11.02 12.95
N PRO A 27 21.27 -10.14 13.03
CA PRO A 27 21.07 -8.69 13.22
C PRO A 27 20.48 -7.98 11.99
N PRO A 28 19.98 -6.74 12.15
CA PRO A 28 19.26 -6.11 11.03
C PRO A 28 20.14 -5.75 9.82
N GLN A 29 19.63 -6.04 8.63
CA GLN A 29 20.24 -5.67 7.36
C GLN A 29 19.40 -4.55 6.74
N LYS A 30 20.02 -3.40 6.47
CA LYS A 30 19.34 -2.23 5.92
C LYS A 30 19.14 -2.40 4.43
N LEU A 31 17.89 -2.37 3.98
CA LEU A 31 17.52 -2.34 2.56
C LEU A 31 16.68 -1.09 2.26
N GLN A 32 16.69 -0.70 0.99
CA GLN A 32 15.93 0.45 0.48
C GLN A 32 14.82 -0.11 -0.42
N ILE A 33 13.57 0.15 -0.03
CA ILE A 33 12.40 -0.60 -0.53
C ILE A 33 11.39 0.36 -1.17
N LEU A 34 11.12 0.15 -2.46
CA LEU A 34 10.13 0.94 -3.22
C LEU A 34 8.71 0.80 -2.65
N VAL A 35 8.07 1.94 -2.39
CA VAL A 35 6.69 1.98 -1.88
C VAL A 35 5.76 1.83 -3.08
N ASP A 36 4.98 0.75 -3.10
CA ASP A 36 4.16 0.36 -4.24
C ASP A 36 2.73 0.03 -3.81
N THR A 37 1.81 0.99 -4.02
CA THR A 37 0.38 0.76 -3.78
C THR A 37 -0.34 -0.05 -4.89
N GLY A 38 0.36 -0.43 -5.96
CA GLY A 38 -0.20 -1.29 -7.02
C GLY A 38 0.20 -2.77 -7.03
N SER A 39 0.80 -3.25 -5.94
CA SER A 39 1.07 -4.69 -5.76
C SER A 39 0.93 -5.03 -4.28
N SER A 40 1.04 -6.31 -3.93
CA SER A 40 0.77 -6.78 -2.56
C SER A 40 1.81 -7.73 -1.94
N ASN A 41 3.00 -7.82 -2.52
CA ASN A 41 4.08 -8.66 -1.97
C ASN A 41 5.21 -7.78 -1.46
N PHE A 42 5.83 -8.23 -0.36
CA PHE A 42 7.06 -7.66 0.15
C PHE A 42 8.17 -8.51 -0.47
N ALA A 43 8.83 -7.96 -1.50
CA ALA A 43 9.82 -8.68 -2.30
C ALA A 43 11.14 -7.91 -2.29
N VAL A 44 12.23 -8.60 -1.97
CA VAL A 44 13.57 -7.99 -1.88
C VAL A 44 14.60 -8.79 -2.67
N ALA A 45 15.76 -8.16 -2.90
CA ALA A 45 16.90 -8.81 -3.55
C ALA A 45 17.52 -9.85 -2.61
N GLY A 46 17.68 -11.08 -3.11
CA GLY A 46 18.20 -12.22 -2.34
C GLY A 46 19.65 -12.60 -2.62
N THR A 47 20.02 -12.60 -3.90
CA THR A 47 21.38 -12.95 -4.38
C THR A 47 22.16 -11.70 -4.80
N PRO A 48 23.50 -11.85 -4.96
CA PRO A 48 24.35 -10.80 -5.51
C PRO A 48 24.10 -10.60 -7.00
N HIS A 49 23.41 -9.50 -7.33
CA HIS A 49 22.97 -9.17 -8.70
C HIS A 49 23.67 -7.88 -9.15
N SER A 50 23.81 -7.74 -10.47
CA SER A 50 24.29 -6.48 -11.08
C SER A 50 23.25 -5.37 -10.90
N TYR A 51 23.70 -4.12 -11.00
CA TYR A 51 22.83 -2.93 -10.89
C TYR A 51 22.25 -2.61 -9.50
N ILE A 52 22.82 -3.20 -8.43
CA ILE A 52 22.38 -2.93 -7.03
C ILE A 52 23.59 -2.88 -6.07
N ASP A 53 23.46 -2.07 -5.03
CA ASP A 53 24.53 -1.88 -4.03
C ASP A 53 24.57 -3.05 -3.04
N THR A 54 23.42 -3.35 -2.44
CA THR A 54 23.27 -4.41 -1.42
C THR A 54 22.02 -5.26 -1.61
N TYR A 55 21.96 -6.37 -0.87
CA TYR A 55 20.85 -7.33 -0.89
C TYR A 55 20.64 -7.98 0.48
N PHE A 56 19.46 -8.58 0.68
CA PHE A 56 19.14 -9.31 1.91
C PHE A 56 19.68 -10.74 1.83
N ASP A 57 20.70 -11.04 2.64
CA ASP A 57 21.30 -12.37 2.75
C ASP A 57 20.57 -13.09 3.90
N THR A 58 19.75 -14.08 3.54
CA THR A 58 18.97 -14.87 4.52
C THR A 58 19.85 -15.68 5.48
N GLU A 59 21.02 -16.12 5.01
CA GLU A 59 21.97 -16.89 5.82
C GLU A 59 22.61 -16.11 6.97
N ARG A 60 22.69 -14.78 6.85
CA ARG A 60 23.16 -13.90 7.94
C ARG A 60 22.11 -13.61 9.03
N SER A 61 20.83 -13.94 8.78
CA SER A 61 19.74 -13.73 9.74
C SER A 61 19.44 -15.00 10.53
N SER A 62 19.62 -14.94 11.85
CA SER A 62 19.30 -16.05 12.76
C SER A 62 17.78 -16.32 12.90
N THR A 63 16.98 -15.27 12.77
CA THR A 63 15.51 -15.37 12.87
C THR A 63 14.79 -15.73 11.57
N TYR A 64 15.48 -15.71 10.41
CA TYR A 64 14.87 -16.07 9.12
C TYR A 64 14.38 -17.53 9.11
N ARG A 65 13.21 -17.75 8.51
CA ARG A 65 12.63 -19.08 8.32
C ARG A 65 12.05 -19.19 6.92
N SER A 66 12.44 -20.24 6.20
CA SER A 66 11.97 -20.49 4.84
C SER A 66 10.62 -21.18 4.89
N LYS A 67 9.69 -20.77 4.03
CA LYS A 67 8.40 -21.47 3.88
C LYS A 67 8.49 -22.76 3.05
N GLY A 68 9.61 -23.00 2.38
CA GLY A 68 9.80 -24.19 1.56
C GLY A 68 9.08 -24.14 0.22
N PHE A 69 8.74 -22.94 -0.26
CA PHE A 69 8.21 -22.76 -1.61
C PHE A 69 8.62 -21.44 -2.25
N ASP A 70 8.50 -21.42 -3.57
CA ASP A 70 8.86 -20.29 -4.42
C ASP A 70 7.62 -19.53 -4.87
N VAL A 71 7.86 -18.35 -5.44
CA VAL A 71 6.83 -17.54 -6.08
C VAL A 71 7.41 -17.01 -7.40
N THR A 72 6.56 -16.95 -8.43
CA THR A 72 6.94 -16.43 -9.75
C THR A 72 5.85 -15.50 -10.27
N VAL A 73 6.28 -14.35 -10.77
CA VAL A 73 5.41 -13.30 -11.33
C VAL A 73 5.77 -13.19 -12.81
N LYS A 74 4.79 -13.44 -13.69
CA LYS A 74 4.96 -13.33 -15.14
C LYS A 74 4.36 -12.03 -15.68
N TYR A 75 5.10 -11.34 -16.56
CA TYR A 75 4.58 -10.17 -17.30
C TYR A 75 5.32 -9.98 -18.65
N THR A 76 4.77 -9.11 -19.50
CA THR A 76 5.21 -8.94 -20.90
C THR A 76 6.67 -8.49 -21.05
N GLN A 77 7.07 -7.48 -20.27
CA GLN A 77 8.40 -6.86 -20.35
C GLN A 77 9.45 -7.35 -19.33
N GLY A 78 9.25 -8.52 -18.73
CA GLY A 78 10.19 -9.09 -17.74
C GLY A 78 9.58 -10.13 -16.80
N SER A 79 10.33 -10.45 -15.75
CA SER A 79 9.90 -11.41 -14.72
C SER A 79 10.73 -11.33 -13.44
N TRP A 80 10.26 -12.02 -12.39
CA TRP A 80 11.06 -12.26 -11.19
C TRP A 80 10.60 -13.53 -10.45
N THR A 81 11.58 -14.28 -9.93
CA THR A 81 11.35 -15.49 -9.15
C THR A 81 12.11 -15.38 -7.83
N GLY A 82 11.48 -15.84 -6.74
CA GLY A 82 12.08 -15.79 -5.41
C GLY A 82 11.54 -16.79 -4.42
N PHE A 83 12.33 -17.04 -3.37
CA PHE A 83 11.92 -17.90 -2.25
C PHE A 83 11.03 -17.10 -1.33
N VAL A 84 10.03 -17.76 -0.75
CA VAL A 84 9.13 -17.13 0.22
C VAL A 84 9.59 -17.59 1.61
N GLY A 85 9.78 -16.63 2.50
CA GLY A 85 10.17 -16.88 3.88
C GLY A 85 9.47 -15.97 4.85
N GLU A 86 9.93 -16.01 6.09
CA GLU A 86 9.42 -15.18 7.19
C GLU A 86 10.60 -14.61 7.95
N ASP A 87 10.49 -13.34 8.36
CA ASP A 87 11.49 -12.71 9.23
C ASP A 87 10.98 -11.46 9.92
N LEU A 88 11.71 -11.05 10.96
CA LEU A 88 11.43 -9.83 11.70
C LEU A 88 11.90 -8.61 10.91
N VAL A 89 11.04 -7.59 10.86
CA VAL A 89 11.30 -6.34 10.14
C VAL A 89 10.97 -5.15 11.05
N THR A 90 11.81 -4.11 11.01
N THR A 90 11.82 -4.11 10.99
CA THR A 90 11.57 -2.84 11.69
CA THR A 90 11.61 -2.85 11.69
C THR A 90 11.69 -1.71 10.67
C THR A 90 11.69 -1.71 10.67
N ILE A 91 10.92 -0.64 10.92
CA ILE A 91 10.92 0.59 10.10
C ILE A 91 11.40 1.68 11.08
N PRO A 92 12.71 2.06 11.05
CA PRO A 92 13.27 3.05 12.00
C PRO A 92 12.54 4.40 12.09
N LYS A 93 12.24 4.98 10.94
CA LYS A 93 11.50 6.25 10.85
C LYS A 93 9.99 6.01 10.91
N GLY A 94 9.50 5.78 12.13
CA GLY A 94 8.07 5.56 12.41
C GLY A 94 7.78 4.64 13.58
N PHE A 95 8.57 3.57 13.71
CA PHE A 95 8.39 2.54 14.74
C PHE A 95 9.71 2.27 15.48
N ASN A 96 9.60 1.68 16.67
CA ASN A 96 10.75 1.26 17.50
C ASN A 96 10.65 -0.19 18.03
N THR A 97 9.88 -1.04 17.33
CA THR A 97 9.77 -2.48 17.62
C THR A 97 9.67 -3.28 16.32
N SER A 98 10.10 -4.54 16.36
N SER A 98 10.10 -4.54 16.36
CA SER A 98 10.12 -5.43 15.20
CA SER A 98 10.12 -5.43 15.19
C SER A 98 8.77 -6.12 15.01
C SER A 98 8.78 -6.12 15.01
N PHE A 99 8.48 -6.50 13.77
CA PHE A 99 7.22 -7.19 13.37
C PHE A 99 7.56 -8.40 12.49
N LEU A 100 6.87 -9.52 12.71
CA LEU A 100 7.08 -10.75 11.93
C LEU A 100 6.23 -10.69 10.65
N VAL A 101 6.89 -10.73 9.50
CA VAL A 101 6.24 -10.58 8.19
C VAL A 101 6.73 -11.64 7.20
N ASN A 102 5.93 -11.85 6.15
CA ASN A 102 6.35 -12.66 5.00
C ASN A 102 7.30 -11.86 4.13
N ILE A 103 8.21 -12.55 3.46
CA ILE A 103 9.23 -11.90 2.62
C ILE A 103 9.60 -12.82 1.45
N ALA A 104 9.57 -12.26 0.23
CA ALA A 104 10.06 -12.94 -0.96
C ALA A 104 11.49 -12.47 -1.23
N THR A 105 12.42 -13.42 -1.36
CA THR A 105 13.83 -13.13 -1.66
C THR A 105 14.15 -13.51 -3.11
N ILE A 106 14.38 -12.50 -3.96
CA ILE A 106 14.52 -12.66 -5.41
C ILE A 106 15.92 -13.19 -5.71
N PHE A 107 16.00 -14.37 -6.34
CA PHE A 107 17.29 -14.99 -6.77
C PHE A 107 17.57 -14.92 -8.28
N GLU A 108 16.52 -14.87 -9.10
CA GLU A 108 16.63 -14.60 -10.56
C GLU A 108 15.51 -13.68 -11.05
N SER A 109 15.83 -12.83 -12.02
CA SER A 109 14.88 -11.86 -12.59
C SER A 109 15.35 -11.27 -13.92
N GLU A 110 14.39 -10.86 -14.75
CA GLU A 110 14.63 -10.26 -16.07
C GLU A 110 14.20 -8.79 -16.08
N ASN A 111 15.18 -7.88 -16.18
CA ASN A 111 14.96 -6.42 -16.24
C ASN A 111 14.27 -5.79 -15.01
N PHE A 112 14.41 -6.44 -13.85
CA PHE A 112 13.73 -6.01 -12.61
C PHE A 112 14.54 -4.90 -11.95
N PHE A 113 15.81 -5.19 -11.66
CA PHE A 113 16.75 -4.23 -11.07
C PHE A 113 17.53 -3.53 -12.17
N LEU A 114 17.12 -2.28 -12.45
CA LEU A 114 17.70 -1.48 -13.54
C LEU A 114 18.97 -0.81 -13.03
N PRO A 115 19.95 -0.58 -13.91
CA PRO A 115 21.18 0.14 -13.57
C PRO A 115 20.92 1.59 -13.16
N GLY A 116 21.64 2.04 -12.12
CA GLY A 116 21.44 3.38 -11.55
C GLY A 116 20.25 3.59 -10.63
N ILE A 117 19.56 2.51 -10.21
CA ILE A 117 18.44 2.60 -9.25
C ILE A 117 19.00 2.33 -7.86
N LYS A 118 18.50 3.10 -6.88
CA LYS A 118 18.96 3.04 -5.50
C LYS A 118 18.26 1.97 -4.65
N TRP A 119 16.96 1.77 -4.89
CA TRP A 119 16.18 0.72 -4.19
C TRP A 119 16.53 -0.70 -4.63
N ASN A 120 16.41 -1.64 -3.69
CA ASN A 120 16.71 -3.08 -3.90
C ASN A 120 15.58 -4.04 -3.44
N GLY A 121 14.37 -3.50 -3.28
CA GLY A 121 13.17 -4.30 -3.05
C GLY A 121 11.90 -3.47 -3.25
N ILE A 122 10.76 -4.12 -3.09
CA ILE A 122 9.43 -3.49 -3.25
C ILE A 122 8.54 -3.87 -2.07
N LEU A 123 7.83 -2.87 -1.55
CA LEU A 123 6.81 -3.03 -0.51
C LEU A 123 5.44 -2.87 -1.16
N GLY A 124 4.79 -4.00 -1.43
CA GLY A 124 3.44 -4.03 -1.98
C GLY A 124 2.41 -3.71 -0.91
N LEU A 125 1.79 -2.53 -1.01
CA LEU A 125 0.77 -2.05 -0.04
C LEU A 125 -0.71 -2.17 -0.49
N ALA A 126 -0.97 -2.85 -1.60
CA ALA A 126 -2.33 -3.15 -2.06
C ALA A 126 -2.95 -4.32 -1.28
N TYR A 127 -4.16 -4.74 -1.65
CA TYR A 127 -4.91 -5.74 -0.87
C TYR A 127 -4.45 -7.19 -1.07
N ALA A 128 -4.87 -8.04 -0.13
CA ALA A 128 -4.60 -9.49 -0.12
C ALA A 128 -4.92 -10.19 -1.44
N THR A 129 -5.99 -9.76 -2.12
CA THR A 129 -6.39 -10.27 -3.45
C THR A 129 -5.23 -10.42 -4.45
N LEU A 130 -4.33 -9.44 -4.49
CA LEU A 130 -3.18 -9.43 -5.43
C LEU A 130 -1.94 -10.21 -4.98
N ALA A 131 -1.89 -10.68 -3.74
CA ALA A 131 -0.71 -11.37 -3.19
C ALA A 131 -0.45 -12.70 -3.89
N LYS A 132 0.82 -12.99 -4.15
CA LYS A 132 1.27 -14.23 -4.80
C LYS A 132 2.16 -15.06 -3.84
N PRO A 133 2.10 -16.40 -3.87
CA PRO A 133 1.29 -17.18 -4.83
C PRO A 133 -0.24 -17.18 -4.62
N SER A 134 -0.71 -16.73 -3.46
CA SER A 134 -2.15 -16.61 -3.20
C SER A 134 -2.47 -15.56 -2.17
N SER A 135 -3.76 -15.23 -2.07
CA SER A 135 -4.27 -14.26 -1.11
C SER A 135 -4.15 -14.68 0.36
N SER A 136 -3.87 -15.97 0.63
CA SER A 136 -3.55 -16.44 1.98
C SER A 136 -2.15 -16.03 2.50
N LEU A 137 -1.26 -15.56 1.61
CA LEU A 137 0.06 -15.06 2.03
C LEU A 137 -0.12 -13.67 2.62
N GLU A 138 -0.10 -13.58 3.95
CA GLU A 138 -0.36 -12.33 4.67
C GLU A 138 0.52 -11.19 4.16
N THR A 139 -0.12 -10.06 3.83
CA THR A 139 0.60 -8.90 3.29
C THR A 139 1.31 -8.17 4.43
N PHE A 140 2.30 -7.36 4.06
CA PHE A 140 3.07 -6.58 5.03
C PHE A 140 2.19 -5.66 5.88
N PHE A 141 1.31 -4.90 5.22
CA PHE A 141 0.45 -3.94 5.93
C PHE A 141 -0.56 -4.63 6.86
N ASP A 142 -1.07 -5.79 6.46
CA ASP A 142 -1.93 -6.62 7.33
C ASP A 142 -1.21 -7.11 8.58
N SER A 143 0.03 -7.56 8.41
CA SER A 143 0.92 -7.87 9.56
C SER A 143 1.16 -6.65 10.46
N LEU A 144 1.44 -5.50 9.84
CA LEU A 144 1.73 -4.25 10.56
C LEU A 144 0.52 -3.73 11.34
N VAL A 145 -0.65 -3.69 10.70
CA VAL A 145 -1.92 -3.28 11.35
C VAL A 145 -2.20 -4.13 12.59
N THR A 146 -2.09 -5.45 12.42
CA THR A 146 -2.34 -6.41 13.49
C THR A 146 -1.29 -6.37 14.61
N GLN A 147 -0.01 -6.28 14.26
CA GLN A 147 1.09 -6.36 15.25
C GLN A 147 1.48 -5.03 15.91
N ALA A 148 1.33 -3.91 15.18
CA ALA A 148 1.70 -2.56 15.68
C ALA A 148 0.58 -1.75 16.35
N ASN A 149 -0.66 -2.28 16.39
CA ASN A 149 -1.84 -1.57 16.95
C ASN A 149 -2.11 -0.20 16.29
N ILE A 150 -2.01 -0.17 14.95
CA ILE A 150 -2.29 1.03 14.15
C ILE A 150 -3.65 0.85 13.44
N PRO A 151 -4.36 1.95 13.14
CA PRO A 151 -5.53 1.86 12.25
C PRO A 151 -5.20 1.33 10.85
N ASN A 152 -6.20 0.74 10.20
CA ASN A 152 -6.06 0.17 8.85
C ASN A 152 -6.13 1.29 7.80
N VAL A 153 -5.09 2.13 7.82
CA VAL A 153 -5.00 3.35 7.01
C VAL A 153 -3.51 3.68 6.85
N PHE A 154 -3.10 4.02 5.63
CA PHE A 154 -1.85 4.73 5.42
C PHE A 154 -2.06 5.87 4.45
N SER A 155 -1.11 6.79 4.42
CA SER A 155 -1.14 7.94 3.51
C SER A 155 0.24 8.24 2.98
N MET A 156 0.27 8.81 1.76
CA MET A 156 1.51 9.00 1.01
C MET A 156 1.58 10.39 0.40
N GLN A 157 2.76 11.00 0.50
CA GLN A 157 3.09 12.27 -0.13
C GLN A 157 4.40 12.10 -0.90
N MET A 158 4.42 12.59 -2.14
CA MET A 158 5.59 12.59 -3.02
C MET A 158 5.97 14.04 -3.28
N CYS A 159 7.20 14.42 -2.94
CA CYS A 159 7.71 15.80 -3.15
C CYS A 159 8.90 15.90 -4.12
N GLY A 160 8.99 14.99 -5.10
CA GLY A 160 10.08 15.00 -6.10
C GLY A 160 10.02 16.16 -7.08
N ALA A 161 8.81 16.51 -7.52
CA ALA A 161 8.60 17.63 -8.45
C ALA A 161 8.92 19.00 -7.81
N GLY A 162 8.67 19.12 -6.50
CA GLY A 162 8.95 20.35 -5.74
C GLY A 162 10.41 20.74 -5.66
N GLY A 172 12.18 14.20 -1.90
CA GLY A 172 11.75 13.12 -1.01
C GLY A 172 10.25 12.99 -0.87
N GLY A 173 9.82 12.34 0.20
CA GLY A 173 8.40 12.13 0.47
C GLY A 173 8.13 11.53 1.84
N SER A 174 6.87 11.20 2.09
CA SER A 174 6.44 10.63 3.37
C SER A 174 5.43 9.51 3.17
N LEU A 175 5.67 8.36 3.83
CA LEU A 175 4.69 7.28 3.96
C LEU A 175 4.31 7.22 5.45
N VAL A 176 3.11 7.68 5.77
CA VAL A 176 2.59 7.68 7.14
C VAL A 176 1.76 6.40 7.33
N LEU A 177 2.32 5.43 8.06
CA LEU A 177 1.69 4.14 8.31
C LEU A 177 0.85 4.19 9.58
N GLY A 178 -0.48 4.09 9.43
CA GLY A 178 -1.43 4.14 10.56
C GLY A 178 -2.40 5.31 10.58
N GLY A 179 -2.16 6.35 9.78
CA GLY A 179 -3.07 7.50 9.76
C GLY A 179 -2.70 8.65 8.85
N ILE A 180 -3.14 9.85 9.25
CA ILE A 180 -3.02 11.09 8.49
C ILE A 180 -2.22 12.08 9.35
N GLU A 181 -1.17 12.67 8.75
CA GLU A 181 -0.34 13.70 9.41
C GLU A 181 -0.85 15.08 8.98
N PRO A 182 -1.33 15.93 9.93
CA PRO A 182 -1.89 17.25 9.53
C PRO A 182 -0.89 18.26 8.93
N SER A 183 0.40 18.14 9.26
CA SER A 183 1.43 19.02 8.68
C SER A 183 1.77 18.75 7.19
N LEU A 184 1.33 17.61 6.64
CA LEU A 184 1.53 17.27 5.22
C LEU A 184 0.49 17.81 4.24
N TYR A 185 -0.56 18.48 4.74
CA TYR A 185 -1.55 19.11 3.87
C TYR A 185 -2.19 20.38 4.46
N LYS A 186 -2.82 21.14 3.57
CA LYS A 186 -3.66 22.28 3.90
C LYS A 186 -4.98 22.16 3.15
N GLY A 187 -6.03 22.77 3.70
CA GLY A 187 -7.38 22.68 3.13
C GLY A 187 -8.05 21.36 3.38
N ASP A 188 -9.04 21.03 2.53
CA ASP A 188 -9.94 19.89 2.74
C ASP A 188 -9.42 18.61 2.10
N ILE A 189 -9.69 17.47 2.76
CA ILE A 189 -9.48 16.14 2.19
C ILE A 189 -10.80 15.74 1.54
N TRP A 190 -10.75 15.34 0.26
CA TRP A 190 -11.89 14.83 -0.48
C TRP A 190 -11.75 13.33 -0.65
N TYR A 191 -12.81 12.58 -0.33
CA TYR A 191 -12.81 11.12 -0.38
C TYR A 191 -13.65 10.57 -1.53
N THR A 192 -13.07 9.60 -2.25
CA THR A 192 -13.76 8.85 -3.30
C THR A 192 -13.81 7.38 -2.87
N PRO A 193 -14.96 6.67 -3.08
CA PRO A 193 -15.00 5.27 -2.65
C PRO A 193 -14.07 4.32 -3.43
N ILE A 194 -13.59 3.29 -2.73
CA ILE A 194 -12.86 2.19 -3.36
C ILE A 194 -13.94 1.27 -3.92
N LYS A 195 -14.02 1.19 -5.24
CA LYS A 195 -15.02 0.36 -5.94
C LYS A 195 -14.77 -1.15 -5.79
N GLU A 196 -13.49 -1.54 -5.79
CA GLU A 196 -13.08 -2.94 -5.61
C GLU A 196 -11.75 -2.96 -4.86
N GLU A 197 -11.63 -3.85 -3.88
CA GLU A 197 -10.44 -3.97 -3.03
C GLU A 197 -9.47 -5.03 -3.58
N TRP A 198 -8.57 -4.58 -4.43
CA TRP A 198 -7.51 -5.42 -5.00
C TRP A 198 -6.30 -4.51 -5.26
N TYR A 199 -6.38 -3.71 -6.33
CA TYR A 199 -5.66 -2.45 -6.47
C TYR A 199 -6.54 -1.46 -5.74
N TYR A 200 -6.08 -0.23 -5.62
CA TYR A 200 -6.91 0.86 -5.09
C TYR A 200 -7.73 1.42 -6.24
N GLN A 201 -8.78 0.67 -6.60
CA GLN A 201 -9.62 1.01 -7.75
C GLN A 201 -10.65 2.06 -7.33
N ILE A 202 -10.67 3.18 -8.05
CA ILE A 202 -11.62 4.28 -7.83
C ILE A 202 -12.32 4.63 -9.14
N GLU A 203 -13.46 5.29 -9.03
CA GLU A 203 -14.31 5.61 -10.19
C GLU A 203 -14.00 7.01 -10.73
N ILE A 204 -13.52 7.07 -11.99
CA ILE A 204 -13.31 8.32 -12.71
C ILE A 204 -14.58 8.60 -13.51
N LEU A 205 -15.10 9.82 -13.38
CA LEU A 205 -16.32 10.27 -14.05
C LEU A 205 -16.08 11.08 -15.32
N LYS A 206 -15.03 11.90 -15.31
CA LYS A 206 -14.74 12.83 -16.40
C LYS A 206 -13.28 13.27 -16.37
N LEU A 207 -12.74 13.52 -17.57
CA LEU A 207 -11.43 14.16 -17.75
C LEU A 207 -11.67 15.49 -18.47
N GLU A 208 -10.99 16.54 -18.00
CA GLU A 208 -11.16 17.91 -18.49
C GLU A 208 -9.80 18.52 -18.80
N ILE A 209 -9.63 19.04 -20.03
CA ILE A 209 -8.38 19.64 -20.50
C ILE A 209 -8.68 21.12 -20.81
N GLY A 210 -8.04 22.02 -20.07
CA GLY A 210 -8.23 23.47 -20.25
C GLY A 210 -9.67 23.97 -20.08
N GLY A 211 -10.41 23.34 -19.17
CA GLY A 211 -11.84 23.61 -18.97
C GLY A 211 -12.82 22.96 -19.95
N GLN A 212 -12.32 22.12 -20.87
CA GLN A 212 -13.13 21.43 -21.88
C GLN A 212 -13.12 19.94 -21.61
N SER A 213 -14.31 19.37 -21.40
CA SER A 213 -14.48 17.94 -21.17
C SER A 213 -14.21 17.16 -22.46
N LEU A 214 -13.58 15.99 -22.31
CA LEU A 214 -13.41 15.05 -23.42
C LEU A 214 -14.78 14.43 -23.69
N ASN A 215 -15.19 14.44 -24.95
CA ASN A 215 -16.51 13.89 -25.35
C ASN A 215 -16.36 12.37 -25.46
N LEU A 216 -16.40 11.71 -24.31
CA LEU A 216 -16.23 10.27 -24.16
C LEU A 216 -17.20 9.73 -23.10
N ASP A 217 -17.59 8.48 -23.27
CA ASP A 217 -18.37 7.74 -22.28
C ASP A 217 -17.47 7.51 -21.07
N CYS A 218 -18.02 7.70 -19.86
CA CYS A 218 -17.23 7.55 -18.64
C CYS A 218 -16.71 6.12 -18.36
N ARG A 219 -17.35 5.11 -18.96
CA ARG A 219 -16.80 3.73 -19.01
C ARG A 219 -15.44 3.57 -19.68
N GLU A 220 -15.10 4.48 -20.59
CA GLU A 220 -13.76 4.54 -21.20
C GLU A 220 -12.64 4.82 -20.19
N TYR A 221 -12.94 5.62 -19.16
CA TYR A 221 -11.98 5.91 -18.07
C TYR A 221 -11.79 4.73 -17.11
N ASN A 222 -12.80 3.88 -16.98
CA ASN A 222 -12.79 2.71 -16.10
C ASN A 222 -12.83 1.38 -16.85
N ALA A 223 -12.53 1.41 -18.16
CA ALA A 223 -12.38 0.20 -18.98
C ALA A 223 -11.17 -0.52 -18.46
N ASP A 224 -11.34 -1.81 -18.10
CA ASP A 224 -10.32 -2.62 -17.42
C ASP A 224 -10.26 -2.24 -15.92
N LYS A 225 -9.83 -1.01 -15.61
CA LYS A 225 -9.87 -0.42 -14.24
C LYS A 225 -9.18 0.96 -14.17
N ALA A 226 -9.60 1.78 -13.19
CA ALA A 226 -8.93 3.06 -12.86
C ALA A 226 -8.37 2.96 -11.44
N ILE A 227 -7.04 3.03 -11.30
CA ILE A 227 -6.36 2.77 -10.01
C ILE A 227 -5.38 3.88 -9.59
N VAL A 228 -5.07 3.89 -8.28
CA VAL A 228 -4.09 4.82 -7.69
C VAL A 228 -2.85 3.98 -7.34
N ASP A 229 -1.75 4.24 -8.05
CA ASP A 229 -0.57 3.39 -8.00
C ASP A 229 0.73 4.20 -7.85
N SER A 230 1.29 4.19 -6.64
CA SER A 230 2.62 4.78 -6.38
C SER A 230 3.79 4.06 -7.07
N GLY A 231 3.57 2.81 -7.50
CA GLY A 231 4.55 2.04 -8.30
C GLY A 231 4.49 2.21 -9.81
N THR A 232 3.71 3.16 -10.31
CA THR A 232 3.71 3.54 -11.73
C THR A 232 4.21 4.98 -11.80
N THR A 233 5.14 5.24 -12.71
CA THR A 233 5.77 6.55 -12.85
C THR A 233 4.81 7.60 -13.42
N LEU A 234 4.14 7.24 -14.51
CA LEU A 234 3.32 8.20 -15.29
C LEU A 234 1.83 8.05 -15.07
N LEU A 235 1.08 9.02 -15.59
CA LEU A 235 -0.36 8.90 -15.74
C LEU A 235 -0.61 8.03 -16.98
N ARG A 236 -0.89 6.74 -16.77
CA ARG A 236 -1.16 5.82 -17.87
C ARG A 236 -2.66 5.86 -18.17
N LEU A 237 -3.02 6.09 -19.45
CA LEU A 237 -4.41 6.18 -19.90
C LEU A 237 -4.66 5.11 -20.98
N PRO A 238 -5.88 4.52 -21.03
CA PRO A 238 -6.24 3.64 -22.16
C PRO A 238 -6.17 4.36 -23.51
N GLN A 239 -5.82 3.61 -24.56
CA GLN A 239 -5.43 4.18 -25.89
C GLN A 239 -6.41 5.20 -26.46
N LYS A 240 -7.71 4.91 -26.36
CA LYS A 240 -8.78 5.84 -26.78
C LYS A 240 -8.83 7.13 -25.93
N VAL A 241 -8.65 6.98 -24.62
CA VAL A 241 -8.58 8.13 -23.69
C VAL A 241 -7.31 8.95 -23.92
N PHE A 242 -6.17 8.25 -24.10
CA PHE A 242 -4.87 8.88 -24.36
C PHE A 242 -4.88 9.76 -25.63
N ASP A 243 -5.41 9.22 -26.72
CA ASP A 243 -5.53 9.96 -28.00
C ASP A 243 -6.41 11.20 -27.89
N ALA A 244 -7.49 11.12 -27.10
CA ALA A 244 -8.35 12.26 -26.79
C ALA A 244 -7.65 13.35 -25.97
N VAL A 245 -6.87 12.94 -24.96
CA VAL A 245 -6.07 13.86 -24.12
C VAL A 245 -4.99 14.57 -24.95
N VAL A 246 -4.27 13.82 -25.78
CA VAL A 246 -3.23 14.39 -26.68
C VAL A 246 -3.83 15.42 -27.64
N GLU A 247 -4.95 15.06 -28.29
CA GLU A 247 -5.70 15.96 -29.19
C GLU A 247 -6.17 17.25 -28.49
N ALA A 248 -6.68 17.10 -27.27
CA ALA A 248 -7.16 18.24 -26.46
C ALA A 248 -6.03 19.15 -25.95
N VAL A 249 -4.91 18.57 -25.53
CA VAL A 249 -3.71 19.33 -25.10
C VAL A 249 -3.08 20.08 -26.29
N ALA A 250 -2.99 19.41 -27.44
CA ALA A 250 -2.45 20.00 -28.68
C ALA A 250 -3.27 21.21 -29.16
N ARG A 251 -4.59 21.05 -29.21
CA ARG A 251 -5.53 22.14 -29.54
C ARG A 251 -5.50 23.31 -28.56
N ALA A 252 -5.52 22.99 -27.26
CA ALA A 252 -5.47 24.00 -26.19
C ALA A 252 -4.14 24.74 -26.07
N SER A 253 -3.04 24.11 -26.49
CA SER A 253 -1.70 24.73 -26.44
C SER A 253 -1.56 25.82 -27.50
N LEU A 254 -1.14 27.02 -27.06
CA LEU A 254 -0.96 28.19 -27.94
C LEU A 254 0.16 28.05 -28.97
N ILE A 255 1.22 27.33 -28.62
CA ILE A 255 2.46 27.22 -29.41
C ILE A 255 2.27 26.44 -30.72
N PRO A 256 3.29 26.49 -31.59
CA PRO A 256 3.40 25.56 -32.72
C PRO A 256 3.54 24.12 -32.22
N GLU A 257 2.92 23.18 -32.95
CA GLU A 257 2.67 21.82 -32.45
C GLU A 257 3.90 21.08 -31.92
N PHE A 258 3.69 20.32 -30.84
CA PHE A 258 4.64 19.30 -30.38
C PHE A 258 4.78 18.22 -31.44
N SER A 259 5.92 17.52 -31.44
CA SER A 259 6.14 16.38 -32.34
C SER A 259 5.28 15.18 -31.92
N ASP A 260 5.05 14.27 -32.87
CA ASP A 260 4.42 12.96 -32.59
C ASP A 260 5.26 12.15 -31.60
N GLY A 261 6.59 12.24 -31.74
CA GLY A 261 7.53 11.60 -30.83
C GLY A 261 7.47 12.04 -29.38
N PHE A 262 7.17 13.32 -29.15
CA PHE A 262 6.94 13.86 -27.79
C PHE A 262 5.77 13.19 -27.07
N TRP A 263 4.66 13.04 -27.79
CA TRP A 263 3.45 12.40 -27.23
C TRP A 263 3.69 10.94 -26.87
N THR A 264 4.36 10.21 -27.76
CA THR A 264 4.69 8.79 -27.55
C THR A 264 5.94 8.52 -26.69
N GLY A 265 6.72 9.57 -26.39
CA GLY A 265 7.91 9.46 -25.54
C GLY A 265 9.22 9.04 -26.18
N SER A 266 9.31 9.10 -27.52
CA SER A 266 10.54 8.73 -28.25
C SER A 266 11.61 9.83 -28.25
N GLN A 267 11.18 11.09 -28.29
CA GLN A 267 12.06 12.27 -28.19
C GLN A 267 11.52 13.33 -27.24
N LEU A 268 12.40 14.25 -26.84
CA LEU A 268 12.10 15.32 -25.88
C LEU A 268 11.73 16.62 -26.59
N ALA A 269 11.17 17.54 -25.81
CA ALA A 269 10.86 18.91 -26.24
C ALA A 269 11.73 19.83 -25.41
N CYS A 270 12.53 20.68 -26.06
CA CYS A 270 13.49 21.57 -25.38
C CYS A 270 13.20 23.05 -25.67
N TRP A 271 13.60 23.92 -24.72
CA TRP A 271 13.44 25.39 -24.82
C TRP A 271 14.64 26.11 -24.20
N TRP A 278 4.99 28.39 -19.38
CA TRP A 278 4.04 27.44 -18.83
C TRP A 278 2.56 27.82 -18.97
N SER A 279 2.28 29.12 -19.03
CA SER A 279 0.94 29.65 -19.34
C SER A 279 0.34 29.17 -20.67
N TYR A 280 1.22 28.85 -21.63
CA TYR A 280 0.81 28.28 -22.92
C TYR A 280 0.22 26.87 -22.87
N PHE A 281 0.39 26.13 -21.75
CA PHE A 281 -0.10 24.74 -21.61
C PHE A 281 -1.32 24.64 -20.69
N PRO A 282 -2.30 23.77 -21.02
CA PRO A 282 -3.53 23.68 -20.25
C PRO A 282 -3.41 22.84 -18.97
N LYS A 283 -4.35 23.07 -18.05
CA LYS A 283 -4.52 22.22 -16.86
C LYS A 283 -5.28 20.95 -17.26
N ILE A 284 -5.00 19.85 -16.56
CA ILE A 284 -5.68 18.56 -16.75
C ILE A 284 -6.34 18.21 -15.43
N SER A 285 -7.68 18.09 -15.44
CA SER A 285 -8.49 17.73 -14.26
C SER A 285 -9.12 16.34 -14.42
N ILE A 286 -9.09 15.54 -13.35
CA ILE A 286 -9.73 14.22 -13.30
C ILE A 286 -10.82 14.31 -12.23
N TYR A 287 -12.08 14.11 -12.65
CA TYR A 287 -13.23 14.13 -11.72
C TYR A 287 -13.47 12.76 -11.11
N LEU A 288 -13.60 12.72 -9.77
CA LEU A 288 -13.80 11.50 -9.00
C LEU A 288 -15.07 11.61 -8.20
N ARG A 289 -15.84 10.51 -8.13
CA ARG A 289 -17.13 10.52 -7.43
C ARG A 289 -16.90 10.63 -5.92
N ASP A 290 -17.67 11.52 -5.29
CA ASP A 290 -17.66 11.70 -3.84
C ASP A 290 -18.38 10.51 -3.19
N GLU A 291 -18.22 10.32 -1.88
CA GLU A 291 -18.99 9.32 -1.11
C GLU A 291 -20.52 9.50 -1.25
N ASN A 292 -20.95 10.75 -1.41
CA ASN A 292 -22.31 11.07 -1.88
C ASN A 292 -22.23 11.01 -3.41
N SER A 293 -22.97 10.09 -4.03
CA SER A 293 -22.87 9.83 -5.48
C SER A 293 -23.32 10.97 -6.40
N SER A 294 -24.21 11.84 -5.91
CA SER A 294 -24.63 13.04 -6.65
C SER A 294 -23.55 14.12 -6.80
N ARG A 295 -22.51 14.07 -5.95
CA ARG A 295 -21.37 14.98 -6.02
C ARG A 295 -20.11 14.33 -6.56
N SER A 296 -19.23 15.17 -7.07
CA SER A 296 -17.87 14.79 -7.46
C SER A 296 -16.91 15.92 -7.08
N PHE A 297 -15.62 15.61 -7.08
CA PHE A 297 -14.56 16.58 -6.92
C PHE A 297 -13.49 16.32 -7.98
N ARG A 298 -12.76 17.36 -8.35
CA ARG A 298 -11.70 17.26 -9.38
C ARG A 298 -10.32 17.40 -8.73
N ILE A 299 -9.41 16.52 -9.15
CA ILE A 299 -7.97 16.65 -8.85
C ILE A 299 -7.31 17.16 -10.14
N THR A 300 -6.66 18.33 -10.04
CA THR A 300 -6.13 19.04 -11.20
C THR A 300 -4.60 19.09 -11.11
N ILE A 301 -3.94 18.76 -12.22
CA ILE A 301 -2.49 18.91 -12.37
C ILE A 301 -2.21 20.03 -13.37
N LEU A 302 -1.22 20.86 -13.04
CA LEU A 302 -0.76 21.93 -13.94
C LEU A 302 0.28 21.35 -14.89
N PRO A 303 0.62 22.09 -15.98
CA PRO A 303 1.65 21.63 -16.94
C PRO A 303 3.01 21.20 -16.36
N GLN A 304 3.42 21.82 -15.26
CA GLN A 304 4.68 21.50 -14.57
C GLN A 304 4.78 20.03 -14.11
N LEU A 305 3.65 19.41 -13.80
CA LEU A 305 3.59 17.99 -13.41
C LEU A 305 3.61 16.99 -14.58
N TYR A 306 2.98 17.32 -15.71
CA TYR A 306 2.94 16.42 -16.89
C TYR A 306 3.89 16.76 -18.05
N ILE A 307 4.61 17.89 -17.98
CA ILE A 307 5.69 18.20 -18.92
C ILE A 307 6.93 18.20 -18.03
N GLN A 308 7.60 17.06 -17.98
CA GLN A 308 8.52 16.72 -16.88
C GLN A 308 9.98 16.96 -17.26
N PRO A 309 10.75 17.73 -16.44
CA PRO A 309 12.15 18.01 -16.78
C PRO A 309 13.06 16.78 -16.81
N MET A 310 13.94 16.72 -17.81
CA MET A 310 14.89 15.61 -18.00
C MET A 310 16.25 16.17 -18.42
N TYR A 317 19.74 24.77 -22.93
CA TYR A 317 18.42 24.21 -23.25
C TYR A 317 17.95 23.21 -22.19
N GLU A 318 16.74 23.43 -21.66
CA GLU A 318 16.08 22.50 -20.74
C GLU A 318 15.14 21.63 -21.54
N CYS A 319 15.29 20.30 -21.42
CA CYS A 319 14.47 19.35 -22.18
C CYS A 319 13.45 18.64 -21.29
N TYR A 320 12.30 18.33 -21.87
CA TYR A 320 11.14 17.80 -21.16
C TYR A 320 10.59 16.56 -21.83
N ARG A 321 9.98 15.70 -21.02
CA ARG A 321 9.31 14.49 -21.46
C ARG A 321 7.83 14.62 -21.09
N PHE A 322 6.97 13.99 -21.90
CA PHE A 322 5.53 13.97 -21.66
C PHE A 322 5.19 12.99 -20.54
N GLY A 323 4.56 13.48 -19.47
CA GLY A 323 4.28 12.70 -18.27
C GLY A 323 3.06 11.79 -18.31
N ILE A 324 2.50 11.58 -19.50
CA ILE A 324 1.34 10.72 -19.74
C ILE A 324 1.74 9.74 -20.84
N SER A 325 1.30 8.48 -20.71
CA SER A 325 1.60 7.41 -21.69
C SER A 325 0.36 6.58 -22.01
N PRO A 326 0.34 5.90 -23.19
CA PRO A 326 -0.76 4.97 -23.48
C PRO A 326 -0.65 3.67 -22.69
N SER A 327 -1.81 3.05 -22.44
CA SER A 327 -1.93 1.82 -21.65
C SER A 327 -2.64 0.75 -22.46
N THR A 328 -2.10 -0.47 -22.41
CA THR A 328 -2.75 -1.66 -23.01
C THR A 328 -4.04 -2.09 -22.31
N ASN A 329 -4.20 -1.75 -21.02
CA ASN A 329 -5.32 -2.23 -20.19
C ASN A 329 -5.94 -1.12 -19.28
N ALA A 330 -5.23 -0.66 -18.24
CA ALA A 330 -5.82 0.11 -17.13
C ALA A 330 -5.52 1.62 -17.20
N LEU A 331 -6.36 2.41 -16.53
CA LEU A 331 -6.08 3.84 -16.29
C LEU A 331 -5.36 3.96 -14.95
N VAL A 332 -4.06 4.23 -14.98
CA VAL A 332 -3.22 4.26 -13.77
C VAL A 332 -2.90 5.70 -13.36
N ILE A 333 -3.42 6.10 -12.20
CA ILE A 333 -3.08 7.39 -11.56
C ILE A 333 -1.74 7.16 -10.86
N GLY A 334 -0.65 7.33 -11.63
CA GLY A 334 0.71 7.12 -11.15
C GLY A 334 1.33 8.32 -10.49
N ALA A 335 2.66 8.31 -10.40
CA ALA A 335 3.43 9.37 -9.74
C ALA A 335 3.23 10.76 -10.37
N THR A 336 3.02 10.85 -11.69
CA THR A 336 2.72 12.12 -12.37
C THR A 336 1.63 12.93 -11.64
N VAL A 337 0.56 12.23 -11.27
CA VAL A 337 -0.55 12.82 -10.52
C VAL A 337 -0.27 12.84 -9.01
N MET A 338 0.21 11.73 -8.45
CA MET A 338 0.47 11.63 -6.98
C MET A 338 1.47 12.65 -6.42
N GLU A 339 2.40 13.11 -7.26
CA GLU A 339 3.30 14.24 -6.93
C GLU A 339 2.60 15.53 -6.48
N GLY A 340 1.39 15.77 -7.02
CA GLY A 340 0.58 16.92 -6.63
C GLY A 340 -0.28 16.81 -5.38
N PHE A 341 -0.40 15.61 -4.78
CA PHE A 341 -1.40 15.37 -3.71
C PHE A 341 -0.94 14.46 -2.58
N TYR A 342 -1.42 14.77 -1.38
CA TYR A 342 -1.34 13.89 -0.23
C TYR A 342 -2.50 12.92 -0.37
N VAL A 343 -2.17 11.64 -0.56
CA VAL A 343 -3.15 10.60 -0.88
C VAL A 343 -3.31 9.71 0.34
N ILE A 344 -4.55 9.58 0.82
CA ILE A 344 -4.89 8.83 2.04
C ILE A 344 -5.56 7.52 1.59
N PHE A 345 -4.89 6.39 1.84
CA PHE A 345 -5.40 5.06 1.50
C PHE A 345 -6.16 4.51 2.70
N ASP A 346 -7.40 4.96 2.83
CA ASP A 346 -8.27 4.64 3.97
C ASP A 346 -8.94 3.30 3.71
N ARG A 347 -8.20 2.23 3.98
CA ARG A 347 -8.70 0.85 3.83
C ARG A 347 -9.82 0.52 4.81
N ALA A 348 -9.74 1.07 6.03
CA ALA A 348 -10.78 0.89 7.06
C ALA A 348 -12.17 1.36 6.63
N GLN A 349 -12.23 2.51 5.96
CA GLN A 349 -13.49 3.10 5.49
C GLN A 349 -13.71 2.99 3.97
N LYS A 350 -12.95 2.09 3.31
CA LYS A 350 -13.13 1.75 1.89
C LYS A 350 -13.15 2.96 0.94
N ARG A 351 -12.16 3.84 1.13
CA ARG A 351 -12.09 5.10 0.38
C ARG A 351 -10.65 5.59 0.21
N VAL A 352 -10.44 6.40 -0.83
CA VAL A 352 -9.15 7.05 -1.10
C VAL A 352 -9.37 8.56 -0.94
N GLY A 353 -8.64 9.17 -0.01
CA GLY A 353 -8.65 10.63 0.21
C GLY A 353 -7.62 11.35 -0.65
N PHE A 354 -7.95 12.58 -1.05
CA PHE A 354 -7.02 13.46 -1.79
C PHE A 354 -7.02 14.86 -1.17
N ALA A 355 -5.83 15.41 -0.94
CA ALA A 355 -5.62 16.81 -0.57
C ALA A 355 -4.38 17.34 -1.30
N ALA A 356 -4.36 18.63 -1.61
CA ALA A 356 -3.22 19.24 -2.33
C ALA A 356 -1.98 19.29 -1.44
N SER A 357 -0.84 18.87 -2.00
CA SER A 357 0.44 18.85 -1.28
C SER A 357 1.03 20.25 -1.24
N PRO A 358 1.37 20.78 -0.03
CA PRO A 358 2.13 22.05 0.02
C PRO A 358 3.52 21.98 -0.63
N CYS A 359 4.19 20.82 -0.56
CA CYS A 359 5.48 20.63 -1.24
C CYS A 359 5.41 20.63 -2.78
N ALA A 360 4.24 20.33 -3.35
CA ALA A 360 4.02 20.40 -4.81
C ALA A 360 3.97 21.86 -5.26
N GLU A 361 5.17 22.44 -5.37
CA GLU A 361 5.34 23.86 -5.68
C GLU A 361 6.67 24.06 -6.40
N ILE A 362 6.61 24.73 -7.55
CA ILE A 362 7.80 25.06 -8.36
C ILE A 362 7.70 26.54 -8.71
N ALA A 363 8.83 27.26 -8.58
CA ALA A 363 8.93 28.70 -8.90
C ALA A 363 7.90 29.58 -8.17
N GLY A 364 7.64 29.24 -6.90
CA GLY A 364 6.63 29.92 -6.08
C GLY A 364 5.17 29.80 -6.50
N ALA A 365 4.84 28.74 -7.27
CA ALA A 365 3.48 28.50 -7.78
C ALA A 365 3.07 27.06 -7.50
N ALA A 366 1.84 26.87 -7.02
CA ALA A 366 1.30 25.53 -6.75
C ALA A 366 1.05 24.81 -8.06
N VAL A 367 1.66 23.62 -8.21
CA VAL A 367 1.55 22.80 -9.45
C VAL A 367 0.35 21.83 -9.47
N SER A 368 -0.52 21.90 -8.46
CA SER A 368 -1.74 21.09 -8.39
C SER A 368 -2.84 21.83 -7.65
N GLU A 369 -4.09 21.47 -7.96
CA GLU A 369 -5.28 22.04 -7.31
C GLU A 369 -6.29 20.93 -7.00
N ILE A 370 -7.12 21.17 -5.99
CA ILE A 370 -8.28 20.32 -5.68
C ILE A 370 -9.49 21.22 -5.38
N SER A 371 -10.66 20.82 -5.85
CA SER A 371 -11.89 21.60 -5.69
C SER A 371 -13.17 20.79 -5.86
N GLY A 372 -14.27 21.37 -5.37
CA GLY A 372 -15.60 20.73 -5.38
C GLY A 372 -16.55 21.40 -4.39
N PRO A 373 -17.82 20.98 -4.34
CA PRO A 373 -18.38 19.87 -5.12
C PRO A 373 -18.85 20.26 -6.54
N PHE A 374 -18.95 19.27 -7.42
CA PHE A 374 -19.56 19.40 -8.75
C PHE A 374 -20.65 18.34 -8.93
N SER A 375 -21.69 18.68 -9.70
CA SER A 375 -22.83 17.80 -9.92
C SER A 375 -22.48 16.65 -10.87
N THR A 376 -23.15 15.51 -10.67
CA THR A 376 -22.99 14.29 -11.50
C THR A 376 -24.33 13.88 -12.16
N GLU A 377 -25.17 14.85 -12.49
CA GLU A 377 -26.53 14.60 -13.00
C GLU A 377 -26.54 14.06 -14.45
N ASP A 378 -25.67 14.63 -15.29
CA ASP A 378 -25.53 14.18 -16.69
C ASP A 378 -24.93 12.76 -16.83
N VAL A 379 -23.96 12.40 -15.97
CA VAL A 379 -23.26 11.10 -16.06
C VAL A 379 -24.05 9.95 -15.40
N ALA A 380 -23.78 8.73 -15.87
CA ALA A 380 -24.34 7.48 -15.32
C ALA A 380 -24.00 7.22 -13.85
N SER A 381 -24.86 6.44 -13.20
CA SER A 381 -24.69 6.06 -11.78
C SER A 381 -23.45 5.19 -11.55
N ASN A 382 -23.14 4.28 -12.49
CA ASN A 382 -21.92 3.48 -12.43
C ASN A 382 -21.13 3.61 -13.74
N CYS A 383 -19.96 4.25 -13.64
CA CYS A 383 -19.01 4.36 -14.75
C CYS A 383 -18.08 3.16 -14.88
N VAL A 384 -18.07 2.24 -13.92
CA VAL A 384 -17.33 0.98 -14.03
C VAL A 384 -18.26 0.02 -14.80
N PRO A 385 -17.78 -0.58 -15.92
CA PRO A 385 -18.68 -1.47 -16.67
C PRO A 385 -19.05 -2.76 -15.93
N ALA A 386 -20.30 -3.20 -16.08
CA ALA A 386 -20.80 -4.42 -15.43
C ALA A 386 -22.09 -4.91 -16.09
N VAL B 1 -10.25 -18.49 4.09
CA VAL B 1 -9.58 -18.51 5.44
C VAL B 1 -10.59 -18.47 6.59
N GLN B 2 -11.00 -19.66 7.03
CA GLN B 2 -11.99 -19.85 8.10
C GLN B 2 -11.29 -20.08 9.44
N LEU B 3 -11.70 -19.35 10.48
CA LEU B 3 -11.12 -19.42 11.83
C LEU B 3 -12.23 -19.44 12.89
N GLN B 4 -12.07 -20.30 13.90
CA GLN B 4 -13.06 -20.45 15.00
C GLN B 4 -12.36 -20.68 16.34
N GLU B 5 -12.53 -19.72 17.27
CA GLU B 5 -11.84 -19.74 18.57
C GLU B 5 -12.71 -20.39 19.65
N SER B 6 -12.03 -20.90 20.67
CA SER B 6 -12.68 -21.50 21.84
C SER B 6 -11.72 -21.50 23.03
N GLY B 7 -12.22 -21.95 24.20
CA GLY B 7 -11.40 -22.05 25.42
C GLY B 7 -11.47 -20.90 26.41
N GLY B 8 -12.17 -19.81 26.04
CA GLY B 8 -12.38 -18.69 26.95
C GLY B 8 -13.36 -19.00 28.07
N GLY B 9 -13.45 -18.08 29.03
CA GLY B 9 -14.38 -18.23 30.14
C GLY B 9 -14.23 -17.20 31.25
N LEU B 10 -15.05 -17.39 32.29
CA LEU B 10 -15.04 -16.56 33.49
C LEU B 10 -14.12 -17.20 34.52
N VAL B 11 -13.09 -16.47 34.97
CA VAL B 11 -12.11 -16.96 35.97
C VAL B 11 -11.82 -15.91 37.06
N GLN B 12 -11.17 -16.35 38.14
CA GLN B 12 -10.71 -15.46 39.22
C GLN B 12 -9.39 -14.76 38.84
N PRO B 13 -8.98 -13.71 39.59
CA PRO B 13 -7.61 -13.20 39.49
C PRO B 13 -6.56 -14.23 39.94
N GLY B 14 -5.48 -14.31 39.16
CA GLY B 14 -4.48 -15.37 39.27
C GLY B 14 -4.86 -16.67 38.57
N GLY B 15 -5.97 -16.67 37.81
CA GLY B 15 -6.49 -17.86 37.16
C GLY B 15 -5.78 -18.19 35.86
N SER B 16 -6.32 -19.18 35.15
CA SER B 16 -5.75 -19.71 33.92
C SER B 16 -6.80 -20.20 32.94
N LEU B 17 -6.49 -20.02 31.65
CA LEU B 17 -7.26 -20.55 30.54
C LEU B 17 -6.31 -21.03 29.45
N ARG B 18 -6.83 -21.89 28.58
CA ARG B 18 -6.15 -22.33 27.38
C ARG B 18 -7.06 -22.11 26.18
N LEU B 19 -6.77 -21.05 25.41
CA LEU B 19 -7.51 -20.76 24.20
C LEU B 19 -7.03 -21.66 23.07
N SER B 20 -7.95 -22.01 22.18
CA SER B 20 -7.67 -22.75 20.95
C SER B 20 -8.31 -22.01 19.79
N CYS B 21 -7.78 -22.26 18.59
CA CYS B 21 -8.43 -21.79 17.35
C CYS B 21 -8.26 -22.81 16.24
N ALA B 22 -9.37 -23.41 15.81
CA ALA B 22 -9.40 -24.33 14.66
C ALA B 22 -9.38 -23.53 13.37
N ALA B 23 -8.61 -24.02 12.39
CA ALA B 23 -8.40 -23.37 11.09
C ALA B 23 -8.78 -24.32 9.94
N SER B 24 -9.36 -23.75 8.88
CA SER B 24 -9.69 -24.51 7.66
C SER B 24 -9.85 -23.59 6.44
N GLY B 25 -9.78 -24.21 5.25
CA GLY B 25 -9.83 -23.49 3.98
C GLY B 25 -8.53 -22.87 3.47
N PHE B 26 -7.41 -23.19 4.11
CA PHE B 26 -6.07 -22.69 3.72
C PHE B 26 -4.97 -23.57 4.31
N THR B 27 -3.76 -23.44 3.77
CA THR B 27 -2.59 -24.19 4.25
C THR B 27 -2.11 -23.58 5.57
N PHE B 28 -2.68 -24.08 6.67
CA PHE B 28 -2.36 -23.63 8.04
C PHE B 28 -0.87 -23.74 8.39
N SER B 29 -0.24 -24.84 7.95
CA SER B 29 1.20 -25.07 8.14
C SER B 29 2.15 -24.06 7.47
N SER B 30 1.66 -23.23 6.55
CA SER B 30 2.42 -22.15 5.93
C SER B 30 2.01 -20.73 6.37
N ALA B 31 1.09 -20.60 7.34
CA ALA B 31 0.50 -19.32 7.71
C ALA B 31 1.07 -18.77 9.01
N ILE B 32 1.43 -17.48 8.99
CA ILE B 32 1.70 -16.71 10.22
C ILE B 32 0.36 -16.61 10.96
N MET B 33 0.40 -16.77 12.27
CA MET B 33 -0.79 -16.70 13.12
C MET B 33 -0.57 -15.70 14.24
N THR B 34 -1.63 -14.94 14.54
CA THR B 34 -1.57 -13.85 15.52
C THR B 34 -2.82 -13.86 16.39
N TRP B 35 -2.64 -13.74 17.71
CA TRP B 35 -3.73 -13.46 18.65
C TRP B 35 -3.83 -11.96 18.89
N VAL B 36 -5.06 -11.44 18.84
CA VAL B 36 -5.39 -10.04 19.15
C VAL B 36 -6.50 -10.09 20.20
N ARG B 37 -6.55 -9.06 21.07
CA ARG B 37 -7.64 -8.89 22.02
C ARG B 37 -8.33 -7.52 21.90
N GLN B 38 -9.63 -7.51 22.19
CA GLN B 38 -10.46 -6.31 22.10
C GLN B 38 -11.50 -6.32 23.24
N ALA B 39 -11.44 -5.30 24.10
CA ALA B 39 -12.43 -5.08 25.16
C ALA B 39 -13.30 -3.88 24.79
N PRO B 40 -14.57 -3.83 25.27
CA PRO B 40 -15.42 -2.66 24.99
C PRO B 40 -14.85 -1.33 25.53
N GLY B 41 -14.85 -0.30 24.70
CA GLY B 41 -14.34 1.02 25.08
C GLY B 41 -12.83 1.15 25.19
N LYS B 42 -12.08 0.19 24.63
CA LYS B 42 -10.61 0.19 24.65
C LYS B 42 -10.08 -0.01 23.24
N GLY B 43 -8.81 0.37 23.04
CA GLY B 43 -8.13 0.17 21.77
C GLY B 43 -7.85 -1.31 21.50
N ARG B 44 -7.81 -1.67 20.22
CA ARG B 44 -7.40 -3.01 19.76
C ARG B 44 -5.96 -3.27 20.22
N GLU B 45 -5.72 -4.43 20.82
CA GLU B 45 -4.41 -4.78 21.41
C GLU B 45 -3.89 -6.13 20.90
N TRP B 46 -2.75 -6.09 20.20
CA TRP B 46 -1.99 -7.26 19.81
C TRP B 46 -1.50 -8.02 21.05
N VAL B 47 -1.68 -9.34 21.05
CA VAL B 47 -1.26 -10.21 22.17
C VAL B 47 0.05 -10.89 21.81
N SER B 48 0.02 -11.70 20.75
CA SER B 48 1.17 -12.52 20.36
C SER B 48 1.06 -13.01 18.92
N THR B 49 2.22 -13.18 18.27
CA THR B 49 2.33 -13.72 16.91
C THR B 49 3.28 -14.92 16.93
N ILE B 50 2.99 -15.90 16.06
CA ILE B 50 3.81 -17.10 15.90
C ILE B 50 4.00 -17.35 14.40
N GLY B 51 5.24 -17.66 13.99
CA GLY B 51 5.55 -18.02 12.62
C GLY B 51 5.00 -19.40 12.27
N SER B 52 5.02 -19.72 10.97
CA SER B 52 4.34 -20.91 10.44
C SER B 52 4.88 -22.25 10.99
N ASP B 53 6.20 -22.36 11.17
CA ASP B 53 6.81 -23.57 11.78
C ASP B 53 6.81 -23.58 13.33
N GLY B 54 6.39 -22.49 13.95
CA GLY B 54 6.27 -22.40 15.40
C GLY B 54 7.50 -21.97 16.19
N SER B 55 8.68 -21.89 15.55
CA SER B 55 9.93 -21.58 16.25
C SER B 55 10.09 -20.11 16.66
N ILE B 56 9.52 -19.20 15.86
CA ILE B 56 9.60 -17.75 16.12
C ILE B 56 8.28 -17.32 16.76
N THR B 57 8.37 -16.77 17.97
CA THR B 57 7.22 -16.25 18.71
C THR B 57 7.55 -14.86 19.26
N THR B 58 6.58 -13.96 19.20
CA THR B 58 6.70 -12.60 19.75
C THR B 58 5.48 -12.30 20.61
N TYR B 59 5.67 -11.42 21.58
CA TYR B 59 4.65 -11.09 22.59
C TYR B 59 4.62 -9.60 22.90
N ALA B 60 3.44 -9.12 23.26
CA ALA B 60 3.26 -7.78 23.80
C ALA B 60 3.84 -7.76 25.21
N ASP B 61 4.44 -6.63 25.59
CA ASP B 61 5.00 -6.44 26.96
C ASP B 61 3.98 -6.64 28.08
N SER B 62 2.71 -6.31 27.81
CA SER B 62 1.59 -6.54 28.75
C SER B 62 1.31 -8.01 29.10
N VAL B 63 1.73 -8.95 28.24
CA VAL B 63 1.52 -10.39 28.43
C VAL B 63 2.81 -11.26 28.57
N LYS B 64 4.00 -10.63 28.50
CA LYS B 64 5.27 -11.37 28.48
C LYS B 64 5.55 -12.02 29.84
N GLY B 65 5.92 -13.31 29.80
CA GLY B 65 6.08 -14.14 31.00
C GLY B 65 4.83 -14.89 31.46
N ARG B 66 3.64 -14.37 31.15
CA ARG B 66 2.36 -14.90 31.59
C ARG B 66 1.64 -15.76 30.53
N PHE B 67 1.63 -15.29 29.27
CA PHE B 67 0.96 -15.99 28.16
C PHE B 67 1.99 -16.68 27.28
N THR B 68 1.60 -17.80 26.69
CA THR B 68 2.43 -18.57 25.74
C THR B 68 1.60 -18.95 24.52
N ILE B 69 2.09 -18.60 23.35
CA ILE B 69 1.50 -18.98 22.05
C ILE B 69 2.15 -20.28 21.59
N SER B 70 1.37 -21.12 20.92
CA SER B 70 1.88 -22.33 20.29
C SER B 70 0.92 -22.81 19.21
N ARG B 71 1.32 -23.82 18.46
CA ARG B 71 0.51 -24.35 17.37
C ARG B 71 0.80 -25.83 17.13
N ASP B 72 -0.21 -26.51 16.59
CA ASP B 72 -0.09 -27.89 16.12
C ASP B 72 -0.50 -27.86 14.65
N ASN B 73 0.50 -27.82 13.78
CA ASN B 73 0.27 -27.79 12.32
C ASN B 73 -0.41 -29.05 11.77
N ALA B 74 -0.12 -30.21 12.37
CA ALA B 74 -0.80 -31.47 12.00
C ALA B 74 -2.32 -31.44 12.27
N ARG B 75 -2.72 -30.77 13.36
CA ARG B 75 -4.14 -30.63 13.74
C ARG B 75 -4.83 -29.32 13.31
N ASN B 76 -4.14 -28.45 12.55
CA ASN B 76 -4.67 -27.15 12.11
C ASN B 76 -5.20 -26.27 13.26
N THR B 77 -4.45 -26.25 14.37
CA THR B 77 -4.87 -25.57 15.60
C THR B 77 -3.77 -24.64 16.12
N LEU B 78 -4.18 -23.42 16.47
CA LEU B 78 -3.38 -22.44 17.19
C LEU B 78 -3.84 -22.45 18.64
N TYR B 79 -2.92 -22.17 19.58
CA TYR B 79 -3.21 -22.11 21.02
C TYR B 79 -2.67 -20.85 21.69
N LEU B 80 -3.30 -20.48 22.81
CA LEU B 80 -2.77 -19.48 23.73
C LEU B 80 -2.99 -19.97 25.16
N GLN B 81 -1.91 -20.39 25.82
CA GLN B 81 -1.93 -20.73 27.23
C GLN B 81 -1.83 -19.43 28.01
N MET B 82 -2.82 -19.17 28.88
CA MET B 82 -2.91 -17.92 29.64
C MET B 82 -2.79 -18.28 31.12
N ASN B 83 -1.80 -17.70 31.79
CA ASN B 83 -1.59 -17.87 33.24
C ASN B 83 -1.53 -16.51 33.92
N SER B 84 -1.69 -16.54 35.24
CA SER B 84 -1.60 -15.34 36.10
C SER B 84 -2.54 -14.20 35.62
N LEU B 85 -3.77 -14.58 35.30
CA LEU B 85 -4.76 -13.66 34.74
C LEU B 85 -5.19 -12.58 35.75
N LYS B 86 -5.49 -11.39 35.24
CA LYS B 86 -5.90 -10.24 36.04
C LYS B 86 -7.08 -9.54 35.35
N PRO B 87 -7.83 -8.66 36.07
CA PRO B 87 -8.99 -7.99 35.44
C PRO B 87 -8.72 -7.21 34.15
N GLU B 88 -7.52 -6.63 34.03
CA GLU B 88 -7.08 -5.95 32.80
C GLU B 88 -6.96 -6.84 31.55
N ASP B 89 -6.82 -8.16 31.74
CA ASP B 89 -6.85 -9.13 30.63
C ASP B 89 -8.24 -9.41 30.05
N THR B 90 -9.32 -8.93 30.68
CA THR B 90 -10.69 -9.13 30.18
C THR B 90 -10.87 -8.53 28.79
N ALA B 91 -11.26 -9.38 27.84
CA ALA B 91 -11.46 -9.00 26.42
C ALA B 91 -11.96 -10.19 25.60
N VAL B 92 -12.39 -9.91 24.37
CA VAL B 92 -12.60 -10.95 23.35
C VAL B 92 -11.23 -11.20 22.73
N TYR B 93 -10.79 -12.45 22.77
CA TYR B 93 -9.52 -12.87 22.16
C TYR B 93 -9.84 -13.55 20.85
N TYR B 94 -9.25 -13.05 19.75
CA TYR B 94 -9.46 -13.63 18.42
C TYR B 94 -8.15 -13.79 17.65
N CYS B 95 -8.20 -14.71 16.69
N CYS B 95 -8.20 -14.67 16.66
CA CYS B 95 -7.06 -15.11 15.88
CA CYS B 95 -7.08 -14.97 15.79
C CYS B 95 -7.22 -14.46 14.52
C CYS B 95 -7.20 -14.19 14.51
N THR B 96 -6.12 -14.00 13.94
N THR B 96 -6.07 -13.88 13.91
CA THR B 96 -6.19 -13.40 12.62
CA THR B 96 -6.09 -13.23 12.61
C THR B 96 -5.05 -13.85 11.73
C THR B 96 -5.02 -13.84 11.72
N SER B 97 -5.29 -13.83 10.42
CA SER B 97 -4.37 -14.37 9.42
C SER B 97 -4.77 -13.84 8.04
N ALA B 98 -3.83 -13.18 7.37
CA ALA B 98 -3.99 -12.67 6.01
C ALA B 98 -5.18 -11.72 5.80
N GLY B 99 -5.44 -10.86 6.79
CA GLY B 99 -6.59 -9.94 6.78
C GLY B 99 -7.95 -10.51 7.19
N ARG B 100 -8.03 -11.81 7.47
CA ARG B 100 -9.25 -12.45 7.98
C ARG B 100 -9.11 -12.66 9.46
N ARG B 101 -10.25 -12.80 10.14
CA ARG B 101 -10.30 -13.10 11.56
C ARG B 101 -11.45 -14.03 11.92
N GLY B 102 -11.32 -14.71 13.06
CA GLY B 102 -12.42 -15.48 13.63
C GLY B 102 -13.29 -14.61 14.53
N PRO B 103 -14.48 -15.12 14.93
CA PRO B 103 -15.40 -14.35 15.79
C PRO B 103 -14.89 -14.11 17.23
N GLY B 104 -14.01 -14.99 17.72
CA GLY B 104 -13.29 -14.79 18.98
C GLY B 104 -13.93 -15.53 20.12
N THR B 105 -13.22 -15.54 21.26
CA THR B 105 -13.67 -16.19 22.49
C THR B 105 -13.51 -15.22 23.67
N GLN B 106 -14.53 -15.13 24.52
CA GLN B 106 -14.56 -14.18 25.63
C GLN B 106 -13.73 -14.70 26.80
N VAL B 107 -12.84 -13.84 27.29
CA VAL B 107 -12.07 -14.06 28.51
C VAL B 107 -12.52 -12.95 29.47
N THR B 108 -13.01 -13.37 30.64
CA THR B 108 -13.45 -12.45 31.70
C THR B 108 -12.74 -12.83 32.99
N VAL B 109 -12.11 -11.85 33.64
CA VAL B 109 -11.38 -12.03 34.89
C VAL B 109 -12.04 -11.10 35.92
N SER B 110 -12.58 -11.67 37.00
CA SER B 110 -13.31 -10.91 38.02
C SER B 110 -13.33 -11.64 39.37
N SER B 111 -13.40 -10.86 40.45
CA SER B 111 -13.38 -11.39 41.82
C SER B 111 -14.74 -11.99 42.19
#